data_8R4P
#
_entry.id   8R4P
#
_cell.length_a   55.613
_cell.length_b   96.953
_cell.length_c   97.408
_cell.angle_alpha   90.00
_cell.angle_beta   90.00
_cell.angle_gamma   90.00
#
_symmetry.space_group_name_H-M   'P 21 21 21'
#
loop_
_entity.id
_entity.type
_entity.pdbx_description
1 polymer 'Adhesin binding fucosylated histo-blood group antigen'
2 non-polymer 'CADMIUM ION'
3 water water
#
_entity_poly.entity_id   1
_entity_poly.type   'polypeptide(L)'
_entity_poly.pdbx_seq_one_letter_code
;MKYLLPTAAAGLLLLAAQPAMAEDDGFYTSVGYQIGEAAQMVTNTKGIQDLSDNYENLSKLLTRYSTLNTLIKLSADPSA
INAARENLGASAKNLIGDTKNSPAYQAVLLAINAAVGFWNVLGYATQCGGNANGQESTSSTTIFNNEPGYRSTSITCSLN
RYKPGYYGPMSIENFKKLNEAYQILQTALNKGLPALKENNGTVSVTYTYTCSGEGNDNCSKKATGVSDQNGGTKTKTQTI
DGKTVTTTISSKVVDSQAKGNTTRVSYTEITNKLDGVPDSAQALLAQASTLINTINTACPYFSVTNKSGGPQMEPTRGKL
CGFTEEISAIQKMITDAQELVNQTSVINEHEQSTPVGGNNGKPFNPFTDASFAQGMLANASAQAKMLNLAHQVGQTINPD
NLTGTFKNFVTGFLATCNNKSTAGTSGTQGSPPGTVTTQTFASGCAYVEQTITNLNNSIAHFGTQEQQIQQAENIADTLV
NFKSRYSELGNTYNSITTALSKVPNAQSLQNVVGKKNNPYSPQGIETNYYLNQNSYNQIQTINQELKKKKKKGSEQKLIS
EEDLSHHHHHH
;
_entity_poly.pdbx_strand_id   A
#
loop_
_chem_comp.id
_chem_comp.type
_chem_comp.name
_chem_comp.formula
CD non-polymer 'CADMIUM ION' 'Cd 2'
#
# COMPACT_ATOMS: atom_id res chain seq x y z
N ILE A 48 -24.82 -10.55 -47.60
CA ILE A 48 -23.72 -9.96 -46.84
C ILE A 48 -24.00 -10.09 -45.36
N GLN A 49 -25.27 -9.97 -44.97
CA GLN A 49 -25.63 -10.15 -43.58
C GLN A 49 -25.29 -11.56 -43.09
N ASP A 50 -25.20 -12.53 -43.99
CA ASP A 50 -24.70 -13.85 -43.65
C ASP A 50 -23.19 -13.88 -43.49
N LEU A 51 -22.51 -12.79 -43.86
CA LEU A 51 -21.04 -12.74 -43.74
C LEU A 51 -20.63 -11.95 -42.51
N SER A 52 -21.57 -11.57 -41.66
CA SER A 52 -21.20 -10.74 -40.48
C SER A 52 -20.31 -11.53 -39.52
N ASP A 53 -20.59 -12.81 -39.30
CA ASP A 53 -19.71 -13.58 -38.38
C ASP A 53 -18.34 -13.77 -39.04
N ASN A 54 -18.30 -13.90 -40.36
CA ASN A 54 -17.02 -14.02 -41.09
C ASN A 54 -16.20 -12.75 -40.90
N TYR A 55 -16.81 -11.57 -41.06
CA TYR A 55 -16.05 -10.31 -40.90
C TYR A 55 -15.65 -10.12 -39.43
N GLU A 56 -16.47 -10.59 -38.52
CA GLU A 56 -16.18 -10.50 -37.08
C GLU A 56 -14.91 -11.31 -36.80
N ASN A 57 -14.87 -12.56 -37.23
CA ASN A 57 -13.73 -13.45 -36.94
C ASN A 57 -12.48 -12.94 -37.65
N LEU A 58 -12.67 -12.48 -38.86
CA LEU A 58 -11.55 -11.94 -39.62
C LEU A 58 -10.99 -10.69 -38.96
N SER A 59 -11.87 -9.82 -38.46
CA SER A 59 -11.42 -8.62 -37.77
C SER A 59 -10.71 -8.96 -36.47
N LYS A 60 -11.24 -9.93 -35.72
CA LYS A 60 -10.59 -10.33 -34.46
C LYS A 60 -9.22 -10.93 -34.72
N LEU A 61 -9.10 -11.77 -35.75
CA LEU A 61 -7.83 -12.40 -36.07
C LEU A 61 -6.80 -11.36 -36.52
N LEU A 62 -7.22 -10.41 -37.37
CA LEU A 62 -6.29 -9.40 -37.87
C LEU A 62 -5.76 -8.51 -36.75
N THR A 63 -6.60 -8.23 -35.74
CA THR A 63 -6.14 -7.43 -34.61
C THR A 63 -5.09 -8.17 -33.80
N ARG A 64 -5.33 -9.45 -33.51
CA ARG A 64 -4.32 -10.25 -32.83
C ARG A 64 -3.08 -10.40 -33.70
N TYR A 65 -3.27 -10.57 -35.00
CA TYR A 65 -2.15 -10.70 -35.93
C TYR A 65 -1.27 -9.45 -35.91
N SER A 66 -1.89 -8.27 -36.01
CA SER A 66 -1.12 -7.03 -36.02
C SER A 66 -0.46 -6.79 -34.67
N THR A 67 -1.18 -7.03 -33.57
CA THR A 67 -0.61 -6.86 -32.25
C THR A 67 0.57 -7.81 -32.04
N LEU A 68 0.38 -9.09 -32.37
CA LEU A 68 1.47 -10.06 -32.22
C LEU A 68 2.64 -9.72 -33.13
N ASN A 69 2.36 -9.31 -34.37
CA ASN A 69 3.43 -8.97 -35.29
C ASN A 69 4.24 -7.79 -34.78
N THR A 70 3.56 -6.74 -34.31
CA THR A 70 4.27 -5.58 -33.77
C THR A 70 5.06 -5.95 -32.53
N LEU A 71 4.48 -6.78 -31.66
CA LEU A 71 5.18 -7.21 -30.45
C LEU A 71 6.40 -8.05 -30.79
N ILE A 72 6.28 -8.92 -31.81
CA ILE A 72 7.41 -9.74 -32.22
C ILE A 72 8.53 -8.87 -32.79
N LYS A 73 8.17 -7.89 -33.62
CA LYS A 73 9.18 -7.00 -34.19
C LYS A 73 9.85 -6.17 -33.10
N LEU A 74 9.08 -5.73 -32.10
CA LEU A 74 9.65 -4.98 -30.98
C LEU A 74 10.66 -5.84 -30.22
N SER A 75 10.23 -7.04 -29.81
CA SER A 75 11.07 -7.91 -29.00
C SER A 75 12.26 -8.47 -29.76
N ALA A 76 12.29 -8.35 -31.08
CA ALA A 76 13.46 -8.73 -31.87
C ALA A 76 14.41 -7.56 -32.08
N ASP A 77 14.06 -6.36 -31.62
CA ASP A 77 14.86 -5.17 -31.84
C ASP A 77 15.59 -4.81 -30.55
N PRO A 78 16.93 -4.88 -30.51
CA PRO A 78 17.64 -4.55 -29.28
C PRO A 78 17.46 -3.10 -28.85
N SER A 79 17.24 -2.19 -29.80
CA SER A 79 17.06 -0.78 -29.45
C SER A 79 15.71 -0.57 -28.74
N ALA A 80 14.68 -1.28 -29.17
CA ALA A 80 13.40 -1.20 -28.47
C ALA A 80 13.49 -1.86 -27.10
N ILE A 81 14.24 -2.96 -27.00
CA ILE A 81 14.41 -3.64 -25.72
C ILE A 81 15.14 -2.73 -24.73
N ASN A 82 16.24 -2.12 -25.18
CA ASN A 82 17.04 -1.27 -24.30
C ASN A 82 16.27 -0.02 -23.90
N ALA A 83 15.43 0.50 -24.80
CA ALA A 83 14.60 1.65 -24.44
C ALA A 83 13.58 1.27 -23.38
N ALA A 84 13.02 0.06 -23.47
CA ALA A 84 12.08 -0.40 -22.46
C ALA A 84 12.77 -0.65 -21.12
N ARG A 85 13.98 -1.21 -21.17
N ARG A 85 13.98 -1.22 -21.17
CA ARG A 85 14.72 -1.45 -19.93
CA ARG A 85 14.72 -1.45 -19.93
C ARG A 85 15.16 -0.15 -19.27
C ARG A 85 15.14 -0.15 -19.27
N GLU A 86 15.45 0.87 -20.07
CA GLU A 86 15.78 2.17 -19.50
C GLU A 86 14.55 2.82 -18.86
N ASN A 87 13.39 2.67 -19.50
CA ASN A 87 12.16 3.18 -18.91
C ASN A 87 11.86 2.52 -17.58
N LEU A 88 12.09 1.20 -17.49
CA LEU A 88 11.85 0.48 -16.24
C LEU A 88 12.70 1.04 -15.12
N GLY A 89 13.96 1.36 -15.40
CA GLY A 89 14.82 1.93 -14.38
C GLY A 89 14.34 3.28 -13.89
N ALA A 90 13.85 4.12 -14.81
CA ALA A 90 13.41 5.46 -14.44
C ALA A 90 12.09 5.42 -13.67
N SER A 91 11.15 4.57 -14.09
CA SER A 91 9.89 4.48 -13.37
C SER A 91 10.06 3.78 -12.03
N ALA A 92 11.00 2.83 -11.93
CA ALA A 92 11.31 2.24 -10.63
C ALA A 92 11.89 3.29 -9.68
N LYS A 93 12.79 4.12 -10.18
CA LYS A 93 13.39 5.16 -9.34
C LYS A 93 12.32 6.14 -8.84
N ASN A 94 11.33 6.43 -9.67
CA ASN A 94 10.25 7.31 -9.23
C ASN A 94 9.35 6.63 -8.20
N LEU A 95 9.03 5.35 -8.43
CA LEU A 95 8.13 4.65 -7.53
C LEU A 95 8.70 4.55 -6.12
N ILE A 96 9.99 4.22 -6.01
CA ILE A 96 10.61 4.04 -4.70
C ILE A 96 11.37 5.26 -4.21
N GLY A 97 11.54 6.28 -5.06
CA GLY A 97 12.30 7.46 -4.67
C GLY A 97 11.47 8.70 -4.44
N ASP A 98 10.34 8.87 -5.00
CA ASP A 98 9.45 10.01 -4.89
C ASP A 98 8.54 9.89 -3.67
N THR A 99 7.99 10.96 -3.29
CA THR A 99 6.92 11.01 -2.31
C THR A 99 5.63 11.48 -3.00
N LYS A 100 5.55 12.77 -3.35
CA LYS A 100 4.34 13.30 -3.97
C LYS A 100 3.99 12.57 -5.26
N ASN A 101 4.99 12.29 -6.09
CA ASN A 101 4.77 11.75 -7.42
C ASN A 101 4.84 10.22 -7.47
N SER A 102 4.85 9.55 -6.33
CA SER A 102 4.86 8.09 -6.32
C SER A 102 3.51 7.58 -5.84
N PRO A 103 2.72 6.93 -6.70
CA PRO A 103 1.46 6.33 -6.23
C PRO A 103 1.69 5.29 -5.14
N ALA A 104 2.81 4.57 -5.20
CA ALA A 104 3.13 3.60 -4.16
C ALA A 104 3.29 4.28 -2.81
N TYR A 105 4.05 5.38 -2.77
CA TYR A 105 4.22 6.12 -1.52
C TYR A 105 2.88 6.64 -1.01
N GLN A 106 2.06 7.21 -1.89
CA GLN A 106 0.79 7.79 -1.48
C GLN A 106 -0.15 6.72 -0.93
N ALA A 107 -0.13 5.52 -1.51
CA ALA A 107 -1.00 4.46 -1.04
C ALA A 107 -0.57 3.96 0.34
N VAL A 108 0.74 3.85 0.55
CA VAL A 108 1.23 3.47 1.88
C VAL A 108 0.81 4.51 2.91
N LEU A 109 1.00 5.78 2.58
CA LEU A 109 0.60 6.86 3.49
C LEU A 109 -0.91 6.82 3.75
N LEU A 110 -1.70 6.49 2.74
CA LEU A 110 -3.16 6.47 2.91
C LEU A 110 -3.58 5.35 3.87
N ALA A 111 -3.01 4.16 3.70
CA ALA A 111 -3.35 3.05 4.59
C ALA A 111 -2.96 3.37 6.04
N ILE A 112 -1.83 4.03 6.23
CA ILE A 112 -1.40 4.40 7.58
C ILE A 112 -2.35 5.45 8.16
N ASN A 113 -2.69 6.46 7.36
CA ASN A 113 -3.51 7.57 7.86
C ASN A 113 -4.94 7.13 8.15
N ALA A 114 -5.47 6.18 7.36
CA ALA A 114 -6.80 5.67 7.63
C ALA A 114 -6.86 4.99 8.99
N ALA A 115 -5.80 4.27 9.36
CA ALA A 115 -5.76 3.60 10.66
C ALA A 115 -5.68 4.61 11.79
N VAL A 116 -4.78 5.59 11.68
CA VAL A 116 -4.64 6.61 12.72
C VAL A 116 -5.93 7.42 12.83
N GLY A 117 -6.47 7.85 11.70
CA GLY A 117 -7.70 8.63 11.72
C GLY A 117 -8.88 7.87 12.27
N PHE A 118 -8.91 6.55 12.08
CA PHE A 118 -9.98 5.74 12.64
C PHE A 118 -9.99 5.81 14.17
N TRP A 119 -8.82 5.73 14.79
CA TRP A 119 -8.75 5.82 16.24
C TRP A 119 -9.01 7.24 16.72
N ASN A 120 -8.56 8.24 15.95
CA ASN A 120 -8.82 9.63 16.30
C ASN A 120 -10.32 9.91 16.32
N VAL A 121 -11.10 9.22 15.48
CA VAL A 121 -12.54 9.43 15.46
C VAL A 121 -13.19 8.82 16.71
N LEU A 122 -12.77 7.63 17.10
CA LEU A 122 -13.50 6.84 18.08
C LEU A 122 -12.80 6.69 19.42
N GLY A 123 -11.54 7.13 19.54
CA GLY A 123 -10.82 6.90 20.79
C GLY A 123 -11.46 7.56 21.98
N TYR A 124 -12.02 8.75 21.81
CA TYR A 124 -12.58 9.48 22.94
C TYR A 124 -13.80 8.76 23.53
N ALA A 125 -14.59 8.09 22.69
CA ALA A 125 -15.79 7.41 23.13
C ALA A 125 -15.53 5.99 23.63
N THR A 126 -14.29 5.54 23.56
CA THR A 126 -13.97 4.15 23.87
C THR A 126 -13.82 3.96 25.38
N GLN A 127 -14.53 2.96 25.91
CA GLN A 127 -14.45 2.64 27.33
C GLN A 127 -13.15 1.91 27.63
N CYS A 128 -12.40 2.39 28.62
CA CYS A 128 -11.18 1.73 29.04
C CYS A 128 -11.06 1.82 30.55
N GLY A 129 -10.16 1.01 31.11
CA GLY A 129 -9.95 1.00 32.55
C GLY A 129 -9.53 -0.39 32.99
N GLY A 130 -9.53 -0.56 34.32
CA GLY A 130 -9.12 -1.80 34.94
C GLY A 130 -7.70 -1.75 35.46
N ASN A 131 -7.24 -2.91 35.90
CA ASN A 131 -5.90 -3.07 36.45
C ASN A 131 -5.04 -3.90 35.50
N ALA A 132 -3.84 -4.25 35.96
CA ALA A 132 -2.90 -5.00 35.12
C ALA A 132 -3.43 -6.39 34.82
N ASN A 133 -3.07 -6.90 33.64
CA ASN A 133 -3.50 -8.21 33.16
C ASN A 133 -5.03 -8.32 33.12
N GLY A 134 -5.66 -7.28 32.60
CA GLY A 134 -7.10 -7.32 32.35
C GLY A 134 -7.97 -7.54 33.55
N GLN A 135 -7.44 -7.37 34.76
CA GLN A 135 -8.24 -7.54 35.97
C GLN A 135 -9.12 -6.32 36.20
N GLU A 136 -10.34 -6.57 36.68
CA GLU A 136 -11.21 -5.46 37.06
C GLU A 136 -10.59 -4.70 38.23
N SER A 137 -10.91 -3.41 38.31
CA SER A 137 -10.34 -2.53 39.30
C SER A 137 -11.42 -1.90 40.15
N THR A 138 -11.02 -1.44 41.34
CA THR A 138 -11.95 -0.82 42.28
C THR A 138 -12.00 0.71 42.12
N SER A 139 -10.83 1.34 42.02
CA SER A 139 -10.77 2.80 41.89
C SER A 139 -9.48 3.22 41.21
N SER A 140 -9.17 2.63 40.07
CA SER A 140 -7.95 2.90 39.33
C SER A 140 -8.24 3.86 38.19
N THR A 141 -7.50 4.95 38.17
CA THR A 141 -7.61 5.97 37.11
C THR A 141 -6.28 6.02 36.37
N THR A 142 -6.25 5.52 35.14
CA THR A 142 -5.03 5.51 34.30
C THR A 142 -5.24 6.45 33.11
N ILE A 143 -4.42 7.49 33.01
CA ILE A 143 -4.56 8.49 31.96
C ILE A 143 -3.38 8.36 31.00
N PHE A 144 -3.67 8.31 29.71
CA PHE A 144 -2.64 8.24 28.67
C PHE A 144 -2.59 9.57 27.95
N ASN A 145 -1.43 10.21 27.96
CA ASN A 145 -1.27 11.54 27.40
C ASN A 145 -0.99 11.48 25.91
N ASN A 146 -1.22 12.62 25.24
CA ASN A 146 -1.12 12.73 23.79
C ASN A 146 -2.03 11.71 23.10
N GLU A 147 -3.31 11.73 23.49
CA GLU A 147 -4.33 10.86 22.94
C GLU A 147 -5.58 11.69 22.71
N PRO A 148 -6.34 11.42 21.65
CA PRO A 148 -7.50 12.27 21.31
C PRO A 148 -8.70 12.03 22.22
N GLY A 149 -8.60 12.52 23.45
CA GLY A 149 -9.69 12.40 24.39
C GLY A 149 -10.76 13.46 24.19
N TYR A 150 -11.88 13.28 24.88
CA TYR A 150 -12.99 14.23 24.78
C TYR A 150 -12.58 15.59 25.32
N ARG A 151 -12.43 16.56 24.42
CA ARG A 151 -12.03 17.93 24.78
C ARG A 151 -10.72 17.90 25.57
N SER A 152 -9.83 16.99 25.21
CA SER A 152 -8.60 16.79 25.95
C SER A 152 -7.56 16.18 25.03
N THR A 153 -6.29 16.45 25.35
CA THR A 153 -5.16 15.77 24.71
C THR A 153 -4.76 14.52 25.47
N SER A 154 -5.66 13.97 26.29
CA SER A 154 -5.41 12.74 27.01
C SER A 154 -6.69 11.90 27.01
N ILE A 155 -6.51 10.59 27.01
CA ILE A 155 -7.62 9.65 27.20
C ILE A 155 -7.50 9.07 28.60
N THR A 156 -8.58 9.18 29.37
CA THR A 156 -8.59 8.72 30.75
C THR A 156 -9.30 7.38 30.85
N CYS A 157 -8.64 6.41 31.47
CA CYS A 157 -9.18 5.07 31.67
C CYS A 157 -9.53 4.92 33.14
N SER A 158 -10.82 5.04 33.46
CA SER A 158 -11.27 5.07 34.84
C SER A 158 -12.61 4.36 35.02
N LEU A 159 -12.89 3.32 34.23
CA LEU A 159 -14.07 2.52 34.43
C LEU A 159 -13.74 1.38 35.39
N ASN A 160 -14.40 1.38 36.55
CA ASN A 160 -14.16 0.39 37.59
C ASN A 160 -15.36 -0.53 37.72
N ARG A 161 -15.16 -1.61 38.50
CA ARG A 161 -16.19 -2.59 38.81
C ARG A 161 -16.73 -3.31 37.57
N TYR A 162 -15.97 -3.31 36.49
CA TYR A 162 -16.31 -4.06 35.28
C TYR A 162 -15.04 -4.70 34.73
N LYS A 163 -15.12 -6.00 34.45
CA LYS A 163 -13.95 -6.70 33.94
C LYS A 163 -13.73 -6.36 32.47
N PRO A 164 -12.52 -5.96 32.09
CA PRO A 164 -12.26 -5.65 30.68
C PRO A 164 -12.44 -6.86 29.78
N GLY A 165 -12.89 -6.60 28.56
CA GLY A 165 -13.07 -7.66 27.59
C GLY A 165 -13.95 -7.21 26.44
N TYR A 166 -14.30 -8.19 25.61
CA TYR A 166 -15.18 -7.96 24.46
C TYR A 166 -16.48 -7.28 24.90
N TYR A 167 -16.85 -6.23 24.17
CA TYR A 167 -18.05 -5.44 24.45
C TYR A 167 -18.04 -4.82 25.84
N GLY A 168 -16.87 -4.76 26.47
CA GLY A 168 -16.72 -4.10 27.75
C GLY A 168 -15.66 -3.02 27.66
N PRO A 169 -15.00 -2.72 28.77
CA PRO A 169 -13.87 -1.79 28.72
C PRO A 169 -12.65 -2.45 28.11
N MET A 170 -11.86 -1.64 27.41
CA MET A 170 -10.57 -2.11 26.93
C MET A 170 -9.59 -2.19 28.10
N SER A 171 -8.86 -3.30 28.17
CA SER A 171 -7.89 -3.46 29.24
C SER A 171 -6.76 -2.45 29.09
N ILE A 172 -6.11 -2.14 30.22
CA ILE A 172 -4.95 -1.25 30.19
C ILE A 172 -3.82 -1.88 29.39
N GLU A 173 -3.71 -3.21 29.42
CA GLU A 173 -2.68 -3.88 28.62
C GLU A 173 -2.92 -3.66 27.13
N ASN A 174 -4.17 -3.77 26.68
CA ASN A 174 -4.47 -3.53 25.27
C ASN A 174 -4.32 -2.06 24.92
N PHE A 175 -4.69 -1.16 25.84
CA PHE A 175 -4.54 0.26 25.55
C PHE A 175 -3.06 0.65 25.46
N LYS A 176 -2.21 0.06 26.32
CA LYS A 176 -0.78 0.32 26.22
C LYS A 176 -0.23 -0.14 24.88
N LYS A 177 -0.62 -1.34 24.46
CA LYS A 177 -0.24 -1.82 23.12
C LYS A 177 -0.77 -0.88 22.04
N LEU A 178 -2.03 -0.47 22.16
CA LEU A 178 -2.60 0.48 21.22
C LEU A 178 -1.86 1.82 21.26
N ASN A 179 -1.65 2.35 22.47
CA ASN A 179 -1.06 3.67 22.61
C ASN A 179 0.36 3.73 22.05
N GLU A 180 1.16 2.68 22.29
CA GLU A 180 2.54 2.68 21.82
C GLU A 180 2.60 2.78 20.30
N ALA A 181 1.76 1.99 19.61
CA ALA A 181 1.72 2.08 18.15
C ALA A 181 1.19 3.43 17.70
N TYR A 182 0.21 3.98 18.42
CA TYR A 182 -0.32 5.29 18.07
C TYR A 182 0.74 6.37 18.18
N GLN A 183 1.53 6.36 19.26
CA GLN A 183 2.57 7.38 19.44
C GLN A 183 3.67 7.23 18.39
N ILE A 184 4.05 5.99 18.08
CA ILE A 184 5.07 5.77 17.05
C ILE A 184 4.59 6.28 15.71
N LEU A 185 3.35 5.97 15.35
CA LEU A 185 2.81 6.41 14.07
C LEU A 185 2.72 7.92 14.00
N GLN A 186 2.21 8.55 15.06
CA GLN A 186 2.05 10.00 15.06
C GLN A 186 3.40 10.72 15.02
N THR A 187 4.39 10.19 15.74
CA THR A 187 5.72 10.80 15.71
C THR A 187 6.37 10.64 14.34
N ALA A 188 6.24 9.47 13.73
CA ALA A 188 6.83 9.26 12.41
C ALA A 188 6.10 10.06 11.35
N LEU A 189 4.77 10.14 11.44
CA LEU A 189 4.03 10.95 10.48
C LEU A 189 4.36 12.43 10.62
N ASN A 190 4.66 12.89 11.84
CA ASN A 190 5.06 14.28 12.04
C ASN A 190 6.41 14.57 11.39
N LYS A 191 7.37 13.65 11.55
CA LYS A 191 8.64 13.80 10.84
C LYS A 191 8.44 13.63 9.34
N GLY A 192 7.55 12.73 8.94
CA GLY A 192 7.31 12.46 7.54
C GLY A 192 7.77 11.07 7.13
N LEU A 193 6.88 10.31 6.51
CA LEU A 193 7.27 9.00 6.00
C LEU A 193 8.26 9.16 4.86
N PRO A 194 9.42 8.51 4.92
CA PRO A 194 10.38 8.64 3.82
C PRO A 194 9.95 7.82 2.61
N ALA A 195 10.70 8.00 1.52
CA ALA A 195 10.44 7.26 0.30
C ALA A 195 10.64 5.76 0.55
N LEU A 196 10.02 4.96 -0.32
CA LEU A 196 10.02 3.51 -0.12
C LEU A 196 11.41 2.93 -0.12
N LYS A 197 12.35 3.55 -0.84
CA LYS A 197 13.72 3.07 -0.87
C LYS A 197 14.47 3.28 0.44
N GLU A 198 13.89 4.02 1.38
CA GLU A 198 14.58 4.40 2.61
C GLU A 198 14.38 3.34 3.67
N ASN A 199 15.48 2.71 4.11
CA ASN A 199 15.44 1.70 5.15
C ASN A 199 16.16 2.10 6.43
N ASN A 200 16.83 3.25 6.44
CA ASN A 200 17.67 3.65 7.57
C ASN A 200 17.11 4.86 8.33
N GLY A 201 15.88 5.28 8.02
CA GLY A 201 15.29 6.40 8.73
C GLY A 201 14.74 5.98 10.08
N THR A 202 14.97 6.83 11.09
CA THR A 202 14.54 6.54 12.45
C THR A 202 13.89 7.76 13.09
N VAL A 203 13.19 7.52 14.19
CA VAL A 203 12.64 8.58 15.02
C VAL A 203 12.84 8.20 16.48
N SER A 204 12.78 9.21 17.34
CA SER A 204 12.68 9.01 18.78
C SER A 204 11.25 9.30 19.21
N VAL A 205 10.70 8.41 20.03
CA VAL A 205 9.31 8.50 20.47
C VAL A 205 9.29 8.59 21.99
N THR A 206 8.56 9.58 22.50
CA THR A 206 8.40 9.76 23.94
C THR A 206 6.91 9.91 24.24
N TYR A 207 6.42 9.16 25.22
CA TYR A 207 5.03 9.29 25.66
C TYR A 207 4.95 8.99 27.14
N THR A 208 3.90 9.50 27.77
CA THR A 208 3.71 9.42 29.21
C THR A 208 2.31 8.92 29.53
N TYR A 209 2.22 8.24 30.66
CA TYR A 209 0.93 7.86 31.27
C TYR A 209 1.02 8.00 32.79
N THR A 210 -0.11 8.33 33.41
CA THR A 210 -0.19 8.54 34.88
C THR A 210 -1.13 7.52 35.51
N CYS A 211 -0.84 7.13 36.74
CA CYS A 211 -1.69 6.20 37.50
C CYS A 211 -2.14 6.83 38.80
N SER A 212 -3.43 7.02 38.93
CA SER A 212 -4.03 7.61 40.13
C SER A 212 -5.01 6.60 40.69
N GLY A 213 -5.44 6.87 41.91
CA GLY A 213 -6.45 6.07 42.59
C GLY A 213 -5.85 4.94 43.42
N GLU A 214 -6.58 4.58 44.47
CA GLU A 214 -6.13 3.54 45.38
C GLU A 214 -6.28 2.16 44.75
N GLY A 215 -5.20 1.37 44.78
CA GLY A 215 -5.19 0.05 44.20
C GLY A 215 -4.74 -0.02 42.75
N ASN A 216 -4.28 1.11 42.21
CA ASN A 216 -3.84 1.13 40.80
C ASN A 216 -2.47 0.50 40.68
N ASP A 217 -2.38 -0.59 39.97
CA ASP A 217 -1.10 -1.26 39.76
C ASP A 217 -0.64 -1.18 38.30
N ASN A 218 -1.20 -0.24 37.57
CA ASN A 218 -0.88 -0.07 36.12
C ASN A 218 0.49 0.57 35.95
N CYS A 219 0.88 1.49 36.83
CA CYS A 219 2.22 2.09 36.69
C CYS A 219 3.09 1.41 37.72
N SER A 220 2.72 0.19 38.05
CA SER A 220 3.49 -0.53 39.09
C SER A 220 4.75 -1.15 38.50
N LYS A 221 5.60 -1.71 39.36
CA LYS A 221 6.91 -2.24 38.93
C LYS A 221 6.73 -3.48 38.06
N LYS A 222 5.85 -4.40 38.44
CA LYS A 222 5.72 -5.62 37.61
C LYS A 222 5.12 -5.26 36.26
N ALA A 223 4.21 -4.30 36.23
CA ALA A 223 3.70 -3.81 34.92
C ALA A 223 4.81 -3.13 34.13
N THR A 224 5.47 -2.14 34.71
CA THR A 224 6.48 -1.34 33.99
C THR A 224 7.85 -1.98 34.04
N GLY A 225 8.08 -2.82 35.03
CA GLY A 225 9.36 -3.52 35.15
C GLY A 225 10.52 -2.58 35.37
N VAL A 226 10.32 -1.48 36.10
CA VAL A 226 11.47 -0.57 36.34
C VAL A 226 12.29 -1.11 37.52
N SER A 227 12.07 -0.55 38.71
CA SER A 227 12.72 -0.84 40.01
C SER A 227 12.05 0.07 41.06
N ASP A 228 12.67 1.20 41.36
CA ASP A 228 12.07 2.18 42.31
C ASP A 228 10.93 2.88 41.58
N GLN A 229 9.88 3.33 42.25
CA GLN A 229 8.78 3.97 41.48
C GLN A 229 8.88 5.48 41.57
N ASN A 230 9.53 5.99 42.61
CA ASN A 230 9.60 7.44 42.69
C ASN A 230 10.70 8.03 41.82
N GLY A 231 11.74 7.26 41.50
CA GLY A 231 12.85 7.79 40.72
C GLY A 231 13.57 6.76 39.88
N GLY A 232 13.06 5.54 39.85
CA GLY A 232 13.71 4.48 39.09
C GLY A 232 13.57 4.68 37.59
N THR A 233 14.50 4.07 36.87
CA THR A 233 14.48 4.09 35.41
C THR A 233 15.09 2.80 34.88
N LYS A 234 14.65 2.40 33.68
CA LYS A 234 15.10 1.15 33.06
C LYS A 234 15.40 1.40 31.59
N THR A 235 16.54 0.88 31.13
CA THR A 235 16.92 0.90 29.72
C THR A 235 16.98 -0.54 29.21
N LYS A 236 16.12 -0.84 28.24
CA LYS A 236 16.10 -2.15 27.58
C LYS A 236 16.27 -1.95 26.07
N THR A 237 16.33 -3.07 25.34
CA THR A 237 16.45 -3.06 23.89
C THR A 237 15.46 -4.05 23.29
N GLN A 238 14.70 -3.61 22.29
CA GLN A 238 13.74 -4.44 21.57
C GLN A 238 13.96 -4.24 20.08
N THR A 239 14.38 -5.30 19.38
CA THR A 239 14.69 -5.19 17.96
C THR A 239 13.41 -5.17 17.14
N ILE A 240 13.16 -4.05 16.46
CA ILE A 240 11.97 -3.87 15.64
C ILE A 240 12.40 -3.83 14.18
N ASP A 241 11.85 -4.76 13.37
CA ASP A 241 12.08 -4.79 11.93
C ASP A 241 13.58 -4.85 11.61
N GLY A 242 14.32 -5.59 12.43
CA GLY A 242 15.76 -5.67 12.27
C GLY A 242 16.54 -4.48 12.80
N LYS A 243 15.87 -3.52 13.42
CA LYS A 243 16.52 -2.34 13.97
C LYS A 243 16.68 -2.48 15.48
N THR A 244 17.85 -2.14 15.98
CA THR A 244 18.10 -2.13 17.42
C THR A 244 17.44 -0.89 18.02
N VAL A 245 16.36 -1.09 18.77
CA VAL A 245 15.60 -0.01 19.38
C VAL A 245 15.91 0.01 20.86
N THR A 246 16.42 1.15 21.35
CA THR A 246 16.71 1.32 22.77
C THR A 246 15.52 1.97 23.45
N THR A 247 14.99 1.31 24.47
CA THR A 247 13.83 1.78 25.20
C THR A 247 14.23 2.15 26.62
N THR A 248 13.80 3.33 27.07
CA THR A 248 14.11 3.82 28.42
C THR A 248 12.80 4.15 29.13
N ILE A 249 12.48 3.37 30.16
CA ILE A 249 11.26 3.55 30.93
C ILE A 249 11.63 4.17 32.27
N SER A 250 10.96 5.26 32.63
CA SER A 250 11.20 5.97 33.87
C SER A 250 9.93 6.04 34.69
N SER A 251 10.09 5.99 36.01
CA SER A 251 8.97 6.03 36.95
C SER A 251 9.18 7.16 37.95
N LYS A 252 8.10 7.90 38.24
CA LYS A 252 8.16 9.03 39.14
C LYS A 252 6.86 9.11 39.92
N VAL A 253 6.97 9.17 41.24
CA VAL A 253 5.80 9.25 42.13
C VAL A 253 5.61 10.69 42.56
N VAL A 254 4.39 11.20 42.41
CA VAL A 254 4.04 12.56 42.79
C VAL A 254 2.98 12.48 43.87
N ASP A 255 3.37 12.71 45.12
CA ASP A 255 2.41 12.71 46.20
C ASP A 255 1.40 13.84 46.04
N SER A 256 0.23 13.66 46.65
CA SER A 256 -0.85 14.64 46.50
C SER A 256 -0.44 16.02 47.02
N GLN A 257 0.50 16.08 47.96
CA GLN A 257 1.01 17.35 48.46
C GLN A 257 2.26 17.71 47.65
N ALA A 258 2.17 18.79 46.88
CA ALA A 258 3.25 19.31 46.05
C ALA A 258 2.75 20.53 45.28
N LYS A 259 3.55 21.60 45.26
CA LYS A 259 3.18 22.77 44.48
C LYS A 259 3.22 22.42 43.00
N GLY A 260 2.09 22.63 42.32
CA GLY A 260 1.92 22.25 40.93
C GLY A 260 0.94 21.10 40.75
N ASN A 261 0.87 20.19 41.72
CA ASN A 261 -0.09 19.08 41.70
C ASN A 261 -1.46 19.63 42.06
N THR A 262 -2.11 20.25 41.08
CA THR A 262 -3.46 20.86 41.26
C THR A 262 -4.51 19.75 41.36
N THR A 263 -4.15 18.52 40.97
CA THR A 263 -5.08 17.37 41.02
C THR A 263 -5.28 16.93 42.48
N ARG A 264 -4.27 17.18 43.33
CA ARG A 264 -4.32 16.80 44.77
C ARG A 264 -4.71 15.32 44.90
N VAL A 265 -4.02 14.45 44.15
CA VAL A 265 -4.30 12.97 44.18
C VAL A 265 -2.99 12.24 43.89
N SER A 266 -2.25 11.82 44.91
CA SER A 266 -0.98 11.05 44.79
C SER A 266 -0.95 10.14 43.55
N TYR A 267 -0.06 10.43 42.60
CA TYR A 267 -0.07 9.66 41.33
C TYR A 267 1.32 9.38 40.81
N THR A 268 1.44 8.25 40.13
CA THR A 268 2.72 7.88 39.51
C THR A 268 2.69 8.32 38.04
N GLU A 269 3.86 8.58 37.47
CA GLU A 269 3.98 8.93 36.06
C GLU A 269 5.05 8.05 35.42
N ILE A 270 4.70 7.39 34.33
CA ILE A 270 5.62 6.56 33.56
C ILE A 270 5.93 7.25 32.25
N THR A 271 7.20 7.46 32.00
CA THR A 271 7.68 8.09 30.75
C THR A 271 8.40 7.02 29.94
N ASN A 272 7.99 6.88 28.69
CA ASN A 272 8.56 5.86 27.79
C ASN A 272 9.35 6.57 26.70
N LYS A 273 10.61 6.20 26.53
CA LYS A 273 11.43 6.86 25.49
C LYS A 273 12.03 5.79 24.61
N LEU A 274 11.68 5.80 23.33
CA LEU A 274 12.16 4.81 22.34
C LEU A 274 13.12 5.51 21.40
N ASP A 275 14.35 5.01 21.35
N ASP A 275 14.33 4.98 21.36
CA ASP A 275 15.38 5.58 20.50
CA ASP A 275 15.41 5.49 20.53
C ASP A 275 15.69 4.64 19.34
C ASP A 275 15.60 4.60 19.32
N GLY A 276 15.79 5.21 18.15
CA GLY A 276 16.09 4.44 16.96
C GLY A 276 14.92 3.68 16.38
N VAL A 277 13.70 4.15 16.60
CA VAL A 277 12.51 3.47 16.06
C VAL A 277 12.50 3.62 14.55
N PRO A 278 12.34 2.54 13.78
CA PRO A 278 12.36 2.65 12.32
C PRO A 278 11.19 3.47 11.80
N ASP A 279 11.50 4.49 11.01
CA ASP A 279 10.51 5.28 10.28
C ASP A 279 10.62 4.84 8.82
N SER A 280 9.85 3.80 8.47
CA SER A 280 9.88 3.22 7.14
C SER A 280 8.50 2.70 6.81
N ALA A 281 8.25 2.52 5.51
CA ALA A 281 6.94 2.04 5.05
C ALA A 281 6.58 0.72 5.74
N GLN A 282 7.49 -0.27 5.68
CA GLN A 282 7.22 -1.56 6.28
C GLN A 282 7.02 -1.46 7.79
N ALA A 283 7.86 -0.66 8.46
CA ALA A 283 7.75 -0.54 9.91
C ALA A 283 6.45 0.15 10.32
N LEU A 284 6.07 1.21 9.61
CA LEU A 284 4.87 1.94 9.98
C LEU A 284 3.60 1.16 9.64
N LEU A 285 3.61 0.43 8.52
CA LEU A 285 2.47 -0.42 8.19
C LEU A 285 2.25 -1.49 9.26
N ALA A 286 3.33 -2.00 9.85
CA ALA A 286 3.19 -2.94 10.95
C ALA A 286 2.58 -2.29 12.17
N GLN A 287 2.99 -1.05 12.48
CA GLN A 287 2.39 -0.32 13.58
C GLN A 287 0.92 -0.04 13.32
N ALA A 288 0.58 0.35 12.08
CA ALA A 288 -0.82 0.57 11.72
C ALA A 288 -1.61 -0.73 11.84
N SER A 289 -1.01 -1.85 11.43
CA SER A 289 -1.66 -3.14 11.61
C SER A 289 -1.92 -3.43 13.08
N THR A 290 -0.94 -3.16 13.94
CA THR A 290 -1.13 -3.36 15.37
C THR A 290 -2.26 -2.48 15.90
N LEU A 291 -2.35 -1.24 15.42
CA LEU A 291 -3.38 -0.32 15.91
C LEU A 291 -4.77 -0.84 15.58
N ILE A 292 -5.04 -1.15 14.30
CA ILE A 292 -6.39 -1.54 13.91
C ILE A 292 -6.75 -2.92 14.46
N ASN A 293 -5.77 -3.81 14.60
CA ASN A 293 -6.06 -5.16 15.07
C ASN A 293 -6.24 -5.21 16.58
N THR A 294 -5.55 -4.33 17.32
CA THR A 294 -5.81 -4.22 18.74
C THR A 294 -7.23 -3.73 18.99
N ILE A 295 -7.70 -2.79 18.16
CA ILE A 295 -9.09 -2.33 18.25
C ILE A 295 -10.04 -3.48 17.95
N ASN A 296 -9.74 -4.27 16.91
CA ASN A 296 -10.61 -5.36 16.53
C ASN A 296 -10.59 -6.49 17.56
N THR A 297 -9.42 -6.75 18.14
CA THR A 297 -9.29 -7.85 19.09
C THR A 297 -9.94 -7.51 20.43
N ALA A 298 -9.62 -6.34 20.97
CA ALA A 298 -10.26 -5.92 22.23
C ALA A 298 -11.75 -5.68 22.04
N CYS A 299 -12.14 -5.09 20.90
CA CYS A 299 -13.52 -4.73 20.59
C CYS A 299 -14.27 -4.18 21.82
N PRO A 300 -13.81 -3.05 22.37
CA PRO A 300 -14.42 -2.57 23.61
C PRO A 300 -15.74 -1.85 23.36
N TYR A 301 -16.46 -1.63 24.45
CA TYR A 301 -17.69 -0.86 24.42
C TYR A 301 -17.38 0.62 24.15
N PHE A 302 -18.31 1.29 23.49
CA PHE A 302 -18.16 2.70 23.21
C PHE A 302 -19.53 3.37 23.23
N SER A 303 -19.52 4.68 23.49
CA SER A 303 -20.75 5.48 23.44
C SER A 303 -20.35 6.91 23.11
N VAL A 304 -20.89 7.43 22.00
CA VAL A 304 -20.55 8.77 21.55
C VAL A 304 -21.41 9.82 22.24
N THR A 316 -25.15 7.22 19.41
CA THR A 316 -25.00 5.79 19.15
C THR A 316 -24.05 5.16 20.15
N ARG A 317 -24.12 3.83 20.27
CA ARG A 317 -23.28 3.10 21.20
C ARG A 317 -23.16 1.66 20.73
N GLY A 318 -22.16 0.97 21.24
CA GLY A 318 -21.96 -0.43 20.89
C GLY A 318 -20.53 -0.90 21.08
N LYS A 319 -20.06 -1.71 20.15
CA LYS A 319 -18.72 -2.29 20.23
C LYS A 319 -17.88 -1.77 19.09
N LEU A 320 -16.57 -1.58 19.34
CA LEU A 320 -15.70 -1.00 18.33
C LEU A 320 -15.56 -1.93 17.13
N CYS A 321 -15.52 -3.23 17.35
CA CYS A 321 -15.46 -4.15 16.22
C CYS A 321 -16.80 -4.23 15.47
N GLY A 322 -17.82 -3.49 15.90
CA GLY A 322 -19.05 -3.38 15.13
C GLY A 322 -18.92 -2.51 13.90
N PHE A 323 -17.89 -1.67 13.85
CA PHE A 323 -17.54 -0.92 12.64
C PHE A 323 -16.85 -1.88 11.66
N THR A 324 -17.61 -2.87 11.22
CA THR A 324 -17.04 -3.99 10.48
C THR A 324 -16.58 -3.57 9.09
N GLU A 325 -17.31 -2.65 8.45
CA GLU A 325 -16.91 -2.18 7.13
C GLU A 325 -15.64 -1.35 7.21
N GLU A 326 -15.53 -0.48 8.22
CA GLU A 326 -14.35 0.35 8.36
C GLU A 326 -13.12 -0.49 8.67
N ILE A 327 -13.26 -1.47 9.58
CA ILE A 327 -12.11 -2.30 9.96
C ILE A 327 -11.68 -3.18 8.80
N SER A 328 -12.64 -3.76 8.08
CA SER A 328 -12.29 -4.58 6.92
C SER A 328 -11.54 -3.76 5.87
N ALA A 329 -11.96 -2.51 5.66
CA ALA A 329 -11.29 -1.65 4.69
C ALA A 329 -9.86 -1.33 5.12
N ILE A 330 -9.68 -1.01 6.41
CA ILE A 330 -8.35 -0.63 6.89
C ILE A 330 -7.41 -1.83 6.87
N GLN A 331 -7.91 -3.01 7.25
CA GLN A 331 -7.10 -4.22 7.18
C GLN A 331 -6.68 -4.52 5.74
N LYS A 332 -7.60 -4.32 4.79
CA LYS A 332 -7.29 -4.57 3.39
C LYS A 332 -6.28 -3.56 2.85
N MET A 333 -6.46 -2.28 3.19
CA MET A 333 -5.53 -1.26 2.73
C MET A 333 -4.12 -1.48 3.28
N ILE A 334 -4.02 -1.85 4.56
CA ILE A 334 -2.71 -2.13 5.15
C ILE A 334 -2.09 -3.36 4.49
N THR A 335 -2.89 -4.40 4.27
CA THR A 335 -2.37 -5.60 3.63
C THR A 335 -1.93 -5.33 2.19
N ASP A 336 -2.77 -4.60 1.43
CA ASP A 336 -2.39 -4.23 0.07
C ASP A 336 -1.13 -3.39 0.06
N ALA A 337 -1.01 -2.46 1.02
CA ALA A 337 0.17 -1.60 1.07
C ALA A 337 1.42 -2.41 1.41
N GLN A 338 1.31 -3.37 2.32
CA GLN A 338 2.45 -4.23 2.63
C GLN A 338 2.88 -5.04 1.42
N GLU A 339 1.91 -5.59 0.69
CA GLU A 339 2.22 -6.34 -0.52
C GLU A 339 2.82 -5.41 -1.58
N LEU A 340 2.33 -4.17 -1.63
CA LEU A 340 2.90 -3.17 -2.53
C LEU A 340 4.37 -2.93 -2.20
N VAL A 341 4.68 -2.75 -0.91
CA VAL A 341 6.06 -2.50 -0.50
C VAL A 341 6.93 -3.72 -0.74
N ASN A 342 6.37 -4.93 -0.61
CA ASN A 342 7.14 -6.14 -0.86
C ASN A 342 7.69 -6.18 -2.27
N GLN A 343 7.04 -5.48 -3.22
CA GLN A 343 7.48 -5.51 -4.60
C GLN A 343 8.77 -4.73 -4.82
N THR A 344 9.17 -3.88 -3.88
CA THR A 344 10.40 -3.10 -4.05
C THR A 344 11.62 -4.01 -4.10
N SER A 345 11.63 -5.08 -3.29
CA SER A 345 12.76 -6.00 -3.32
C SER A 345 12.79 -6.82 -4.60
N VAL A 346 11.62 -7.09 -5.20
CA VAL A 346 11.59 -7.75 -6.49
C VAL A 346 12.25 -6.87 -7.54
N ILE A 347 11.92 -5.57 -7.53
CA ILE A 347 12.56 -4.63 -8.45
C ILE A 347 14.04 -4.51 -8.15
N ASN A 348 14.40 -4.46 -6.86
CA ASN A 348 15.80 -4.29 -6.48
C ASN A 348 16.66 -5.44 -7.00
N GLU A 349 16.16 -6.66 -6.92
CA GLU A 349 16.90 -7.84 -7.35
C GLU A 349 16.82 -8.09 -8.85
N HIS A 350 16.30 -7.14 -9.64
CA HIS A 350 16.18 -7.31 -11.08
C HIS A 350 16.42 -5.97 -11.78
N GLU A 351 17.61 -5.41 -11.56
CA GLU A 351 17.97 -4.17 -12.23
C GLU A 351 18.01 -4.39 -13.73
N GLN A 352 17.68 -3.32 -14.48
CA GLN A 352 17.67 -3.36 -15.94
C GLN A 352 18.69 -2.41 -16.53
N SER A 353 19.72 -2.05 -15.76
CA SER A 353 20.71 -1.08 -16.22
C SER A 353 21.76 -1.70 -17.12
N THR A 354 22.15 -2.94 -16.85
CA THR A 354 23.25 -3.55 -17.59
C THR A 354 22.82 -3.86 -19.02
N PRO A 355 23.72 -3.67 -20.00
CA PRO A 355 23.38 -3.79 -21.41
C PRO A 355 23.00 -5.22 -21.76
N VAL A 356 22.20 -5.43 -22.78
CA VAL A 356 21.89 -6.84 -23.08
C VAL A 356 21.84 -7.01 -24.58
N GLY A 357 21.96 -8.25 -25.02
CA GLY A 357 21.84 -8.43 -26.45
C GLY A 357 22.91 -9.29 -27.04
N GLY A 358 23.24 -8.94 -28.26
CA GLY A 358 22.83 -7.61 -28.75
C GLY A 358 23.85 -6.53 -28.43
N ASN A 359 24.93 -6.87 -27.73
CA ASN A 359 26.04 -5.91 -27.46
C ASN A 359 27.38 -6.66 -27.59
N ASN A 360 27.30 -7.91 -28.10
CA ASN A 360 28.34 -8.90 -28.47
C ASN A 360 28.64 -8.71 -29.96
N GLY A 361 29.38 -9.65 -30.55
CA GLY A 361 29.76 -9.53 -31.97
C GLY A 361 28.63 -9.64 -32.98
N LYS A 362 27.67 -10.54 -32.75
CA LYS A 362 26.62 -10.93 -33.74
C LYS A 362 25.26 -10.29 -33.45
N PRO A 363 24.28 -10.34 -34.39
CA PRO A 363 22.96 -9.73 -34.22
C PRO A 363 22.13 -10.44 -33.16
N PHE A 364 21.25 -9.71 -32.48
CA PHE A 364 20.47 -10.30 -31.38
C PHE A 364 19.55 -11.43 -31.85
N ASN A 365 19.62 -12.56 -31.18
CA ASN A 365 18.76 -13.70 -31.48
C ASN A 365 17.73 -13.84 -30.37
N PRO A 366 16.44 -13.62 -30.64
CA PRO A 366 15.44 -13.69 -29.56
C PRO A 366 15.23 -15.09 -29.00
N PHE A 367 15.67 -16.13 -29.71
CA PHE A 367 15.52 -17.49 -29.21
C PHE A 367 16.60 -17.86 -28.20
N THR A 368 17.79 -17.27 -28.32
CA THR A 368 18.93 -17.68 -27.52
C THR A 368 19.55 -16.57 -26.69
N ASP A 369 19.41 -15.31 -27.09
CA ASP A 369 20.04 -14.19 -26.39
C ASP A 369 19.09 -13.50 -25.41
N ALA A 370 18.03 -14.19 -24.99
CA ALA A 370 16.98 -13.58 -24.16
C ALA A 370 17.02 -14.12 -22.73
N SER A 371 18.23 -14.37 -22.22
CA SER A 371 18.36 -14.81 -20.82
C SER A 371 17.80 -13.77 -19.86
N PHE A 372 17.94 -12.49 -20.18
CA PHE A 372 17.54 -11.39 -19.31
C PHE A 372 16.02 -11.22 -19.22
N ALA A 373 15.25 -11.90 -20.08
CA ALA A 373 13.83 -11.58 -20.23
C ALA A 373 13.05 -11.91 -18.97
N GLN A 374 13.40 -13.02 -18.30
CA GLN A 374 12.67 -13.41 -17.09
C GLN A 374 12.81 -12.34 -16.01
N GLY A 375 14.02 -11.83 -15.80
CA GLY A 375 14.21 -10.76 -14.83
C GLY A 375 13.54 -9.47 -15.27
N MET A 376 13.61 -9.15 -16.56
CA MET A 376 12.91 -7.98 -17.08
C MET A 376 11.40 -8.11 -16.88
N LEU A 377 10.87 -9.32 -17.05
CA LEU A 377 9.45 -9.53 -16.82
C LEU A 377 9.10 -9.39 -15.35
N ALA A 378 9.94 -9.94 -14.46
CA ALA A 378 9.69 -9.81 -13.03
C ALA A 378 9.74 -8.36 -12.58
N ASN A 379 10.69 -7.59 -13.12
CA ASN A 379 10.77 -6.17 -12.81
C ASN A 379 9.50 -5.44 -13.23
N ALA A 380 9.14 -5.56 -14.52
CA ALA A 380 7.93 -4.89 -15.01
C ALA A 380 6.69 -5.40 -14.30
N SER A 381 6.64 -6.71 -14.02
CA SER A 381 5.50 -7.26 -13.28
C SER A 381 5.37 -6.62 -11.91
N ALA A 382 6.49 -6.41 -11.22
CA ALA A 382 6.44 -5.84 -9.88
C ALA A 382 5.97 -4.40 -9.90
N GLN A 383 6.39 -3.63 -10.92
CA GLN A 383 5.96 -2.24 -11.01
C GLN A 383 4.48 -2.14 -11.35
N ALA A 384 4.00 -2.99 -12.26
CA ALA A 384 2.57 -3.01 -12.56
C ALA A 384 1.76 -3.40 -11.33
N LYS A 385 2.25 -4.37 -10.56
CA LYS A 385 1.54 -4.80 -9.36
C LYS A 385 1.52 -3.69 -8.31
N MET A 386 2.62 -2.94 -8.19
CA MET A 386 2.66 -1.82 -7.26
C MET A 386 1.60 -0.78 -7.62
N LEU A 387 1.49 -0.45 -8.91
CA LEU A 387 0.53 0.55 -9.35
C LEU A 387 -0.90 0.05 -9.16
N ASN A 388 -1.18 -1.21 -9.46
CA ASN A 388 -2.52 -1.74 -9.29
C ASN A 388 -2.91 -1.77 -7.81
N LEU A 389 -1.99 -2.21 -6.94
CA LEU A 389 -2.28 -2.22 -5.52
C LEU A 389 -2.44 -0.81 -4.97
N ALA A 390 -1.66 0.15 -5.48
CA ALA A 390 -1.82 1.53 -5.05
C ALA A 390 -3.20 2.06 -5.37
N HIS A 391 -3.69 1.77 -6.58
CA HIS A 391 -5.05 2.17 -6.94
C HIS A 391 -6.08 1.45 -6.08
N GLN A 392 -5.83 0.19 -5.76
CA GLN A 392 -6.76 -0.58 -4.92
C GLN A 392 -6.91 0.06 -3.54
N VAL A 393 -5.81 0.53 -2.97
CA VAL A 393 -5.87 1.18 -1.66
C VAL A 393 -6.76 2.42 -1.73
N GLY A 394 -6.65 3.20 -2.82
CA GLY A 394 -7.50 4.35 -2.97
C GLY A 394 -8.96 3.98 -3.13
N GLN A 395 -9.25 3.01 -4.00
CA GLN A 395 -10.63 2.62 -4.25
C GLN A 395 -11.32 2.11 -2.99
N THR A 396 -10.56 1.52 -2.07
CA THR A 396 -11.15 0.92 -0.88
C THR A 396 -11.77 1.97 0.04
N ILE A 397 -11.16 3.15 0.11
CA ILE A 397 -11.59 4.18 1.05
C ILE A 397 -12.20 5.40 0.37
N ASN A 398 -12.07 5.52 -0.95
CA ASN A 398 -12.58 6.69 -1.67
C ASN A 398 -14.08 6.84 -1.44
N PRO A 399 -14.54 7.96 -0.87
CA PRO A 399 -15.98 8.13 -0.62
C PRO A 399 -16.83 7.99 -1.88
N ASP A 400 -16.29 8.29 -3.05
CA ASP A 400 -17.06 8.18 -4.28
C ASP A 400 -17.45 6.74 -4.59
N ASN A 401 -16.76 5.76 -4.02
CA ASN A 401 -17.08 4.36 -4.21
C ASN A 401 -17.84 3.74 -3.03
N LEU A 402 -18.20 4.55 -2.04
CA LEU A 402 -18.88 4.07 -0.85
C LEU A 402 -20.31 4.57 -0.81
N THR A 403 -21.09 3.98 0.10
CA THR A 403 -22.48 4.36 0.29
C THR A 403 -22.90 3.98 1.70
N GLY A 404 -24.09 4.43 2.09
CA GLY A 404 -24.65 4.07 3.37
C GLY A 404 -23.85 4.61 4.55
N THR A 405 -23.80 3.81 5.61
CA THR A 405 -23.11 4.23 6.83
C THR A 405 -21.61 4.36 6.62
N PHE A 406 -21.03 3.51 5.78
CA PHE A 406 -19.59 3.57 5.54
C PHE A 406 -19.19 4.91 4.92
N LYS A 407 -19.93 5.35 3.89
CA LYS A 407 -19.64 6.64 3.28
C LYS A 407 -19.81 7.78 4.28
N ASN A 408 -20.85 7.71 5.10
CA ASN A 408 -21.08 8.75 6.11
C ASN A 408 -19.94 8.80 7.13
N PHE A 409 -19.37 7.64 7.46
CA PHE A 409 -18.22 7.62 8.38
C PHE A 409 -17.02 8.31 7.75
N VAL A 410 -16.77 8.06 6.46
CA VAL A 410 -15.59 8.62 5.82
C VAL A 410 -15.77 10.11 5.56
N THR A 411 -16.88 10.49 4.90
CA THR A 411 -17.09 11.89 4.57
C THR A 411 -17.33 12.74 5.81
N GLY A 412 -18.01 12.18 6.80
CA GLY A 412 -18.39 12.96 7.97
C GLY A 412 -17.37 12.98 9.08
N PHE A 413 -16.49 11.98 9.14
CA PHE A 413 -15.61 11.85 10.30
C PHE A 413 -14.17 11.53 9.92
N LEU A 414 -13.95 10.42 9.21
CA LEU A 414 -12.59 9.98 8.91
C LEU A 414 -11.84 11.01 8.08
N ALA A 415 -12.46 11.47 7.00
CA ALA A 415 -11.83 12.43 6.08
C ALA A 415 -12.08 13.87 6.48
N THR A 416 -12.13 14.16 7.79
CA THR A 416 -12.26 15.51 8.29
C THR A 416 -11.28 15.70 9.44
N CYS A 417 -11.35 16.89 10.06
CA CYS A 417 -10.46 17.27 11.16
C CYS A 417 -10.91 18.52 11.90
N ASN A 418 -11.56 18.34 13.04
CA ASN A 418 -11.98 19.48 13.85
C ASN A 418 -10.79 20.22 14.45
N ASN A 419 -9.62 19.68 14.31
CA ASN A 419 -8.47 20.37 14.89
C ASN A 419 -8.16 21.53 13.95
N SER A 431 -2.32 22.52 10.53
CA SER A 431 -1.96 21.66 11.67
C SER A 431 -1.06 20.50 11.20
N PRO A 432 0.21 20.40 11.63
CA PRO A 432 1.11 19.38 11.15
C PRO A 432 0.62 17.98 11.43
N PRO A 433 0.99 16.98 10.60
CA PRO A 433 0.64 15.61 10.86
C PRO A 433 1.17 15.16 12.22
N GLY A 434 0.40 14.32 12.88
CA GLY A 434 0.74 13.77 14.20
C GLY A 434 0.45 14.74 15.32
N THR A 435 -0.44 15.68 15.09
CA THR A 435 -0.77 16.70 16.12
C THR A 435 -2.03 16.28 16.87
N VAL A 436 -1.94 16.20 18.19
CA VAL A 436 -3.14 15.87 19.01
C VAL A 436 -3.55 17.13 19.76
N THR A 437 -4.78 17.58 19.56
CA THR A 437 -5.34 18.74 20.25
C THR A 437 -6.61 18.32 20.99
N THR A 438 -7.17 19.27 21.73
CA THR A 438 -8.42 19.02 22.45
C THR A 438 -9.62 18.89 21.53
N GLN A 439 -9.48 19.24 20.25
CA GLN A 439 -10.57 19.13 19.28
C GLN A 439 -10.31 18.03 18.26
N THR A 440 -9.31 17.18 18.47
CA THR A 440 -9.03 16.09 17.55
C THR A 440 -10.17 15.07 17.54
N PHE A 441 -10.75 14.80 18.70
CA PHE A 441 -11.72 13.72 18.85
C PHE A 441 -12.89 13.88 17.89
N ALA A 442 -13.50 12.74 17.54
CA ALA A 442 -14.60 12.64 16.58
C ALA A 442 -14.20 13.08 15.18
N SER A 443 -12.91 13.22 14.90
CA SER A 443 -12.42 13.63 13.59
C SER A 443 -11.18 12.82 13.26
N GLY A 444 -10.95 12.61 11.96
CA GLY A 444 -9.81 11.81 11.54
C GLY A 444 -8.49 12.52 11.79
N CYS A 445 -8.36 13.75 11.29
CA CYS A 445 -7.18 14.58 11.55
C CYS A 445 -5.89 13.89 11.11
N ALA A 446 -5.99 13.04 10.11
CA ALA A 446 -4.84 12.33 9.57
C ALA A 446 -4.65 12.60 8.08
N TYR A 447 -5.17 13.71 7.62
CA TYR A 447 -5.04 14.14 6.21
C TYR A 447 -5.52 13.04 5.26
N VAL A 448 -6.53 12.31 5.65
CA VAL A 448 -7.06 11.24 4.81
C VAL A 448 -7.62 11.81 3.51
N GLU A 449 -8.32 12.94 3.59
CA GLU A 449 -8.89 13.53 2.39
C GLU A 449 -7.80 14.01 1.44
N GLN A 450 -6.78 14.69 1.97
CA GLN A 450 -5.70 15.17 1.12
C GLN A 450 -4.90 14.02 0.51
N THR A 451 -4.71 12.94 1.27
CA THR A 451 -3.92 11.82 0.77
C THR A 451 -4.64 11.09 -0.35
N ILE A 452 -5.97 10.97 -0.25
CA ILE A 452 -6.74 10.40 -1.35
C ILE A 452 -6.56 11.22 -2.61
N THR A 453 -6.61 12.55 -2.47
CA THR A 453 -6.43 13.42 -3.63
C THR A 453 -5.02 13.31 -4.19
N ASN A 454 -4.01 13.31 -3.32
CA ASN A 454 -2.64 13.20 -3.78
C ASN A 454 -2.35 11.84 -4.40
N LEU A 455 -3.00 10.79 -3.90
CA LEU A 455 -2.82 9.47 -4.49
C LEU A 455 -3.35 9.44 -5.93
N ASN A 456 -4.55 9.96 -6.13
CA ASN A 456 -5.12 9.95 -7.48
C ASN A 456 -4.43 10.94 -8.40
N ASN A 457 -3.93 12.05 -7.85
CA ASN A 457 -3.10 12.95 -8.63
C ASN A 457 -1.82 12.26 -9.09
N SER A 458 -1.19 11.49 -8.21
CA SER A 458 0.06 10.81 -8.56
C SER A 458 -0.18 9.69 -9.57
N ILE A 459 -1.33 9.02 -9.49
CA ILE A 459 -1.66 8.00 -10.47
C ILE A 459 -1.82 8.61 -11.85
N ALA A 460 -2.50 9.76 -11.94
CA ALA A 460 -2.62 10.46 -13.22
C ALA A 460 -1.26 10.94 -13.72
N HIS A 461 -0.42 11.44 -12.81
CA HIS A 461 0.92 11.88 -13.18
C HIS A 461 1.77 10.72 -13.70
N PHE A 462 1.47 9.50 -13.25
CA PHE A 462 2.25 8.32 -13.62
C PHE A 462 1.73 7.65 -14.90
N GLY A 463 0.79 8.28 -15.60
CA GLY A 463 0.15 7.60 -16.73
C GLY A 463 1.12 7.19 -17.81
N THR A 464 2.00 8.09 -18.20
CA THR A 464 3.01 7.77 -19.24
C THR A 464 3.89 6.60 -18.80
N GLN A 465 4.38 6.64 -17.56
CA GLN A 465 5.25 5.61 -16.97
C GLN A 465 4.50 4.28 -16.90
N GLU A 466 3.22 4.32 -16.58
CA GLU A 466 2.42 3.10 -16.53
C GLU A 466 2.44 2.44 -17.91
N GLN A 467 2.20 3.23 -18.96
CA GLN A 467 2.20 2.75 -20.35
C GLN A 467 3.55 2.14 -20.68
N GLN A 468 4.63 2.80 -20.31
CA GLN A 468 5.96 2.26 -20.57
C GLN A 468 6.19 0.96 -19.82
N ILE A 469 5.66 0.86 -18.59
CA ILE A 469 5.74 -0.40 -17.85
C ILE A 469 4.97 -1.49 -18.59
N GLN A 470 3.80 -1.14 -19.10
CA GLN A 470 2.99 -2.14 -19.84
C GLN A 470 3.76 -2.64 -21.05
N GLN A 471 4.31 -1.74 -21.84
CA GLN A 471 5.07 -2.11 -23.06
C GLN A 471 6.25 -3.00 -22.67
N ALA A 472 6.98 -2.61 -21.62
CA ALA A 472 8.15 -3.39 -21.14
C ALA A 472 7.68 -4.78 -20.77
N GLU A 473 6.59 -4.85 -20.02
CA GLU A 473 5.98 -6.11 -19.62
C GLU A 473 5.68 -6.92 -20.88
N ASN A 474 5.04 -6.32 -21.86
CA ASN A 474 4.68 -7.06 -23.08
C ASN A 474 5.91 -7.54 -23.83
N ILE A 475 6.93 -6.68 -23.95
CA ILE A 475 8.16 -7.07 -24.62
C ILE A 475 8.83 -8.20 -23.86
N ALA A 476 8.93 -8.08 -22.54
CA ALA A 476 9.58 -9.10 -21.74
C ALA A 476 8.81 -10.41 -21.78
N ASP A 477 7.48 -10.35 -21.72
CA ASP A 477 6.67 -11.56 -21.81
C ASP A 477 6.83 -12.22 -23.16
N THR A 478 6.93 -11.41 -24.23
CA THR A 478 7.12 -11.97 -25.56
C THR A 478 8.47 -12.69 -25.67
N LEU A 479 9.52 -12.10 -25.12
CA LEU A 479 10.84 -12.71 -25.20
C LEU A 479 10.91 -14.01 -24.42
N VAL A 480 10.25 -14.06 -23.26
CA VAL A 480 10.24 -15.28 -22.45
C VAL A 480 9.57 -16.41 -23.22
N ASN A 481 8.51 -16.10 -23.97
CA ASN A 481 7.74 -17.10 -24.70
C ASN A 481 7.87 -16.92 -26.21
N PHE A 482 9.07 -16.53 -26.68
CA PHE A 482 9.22 -16.10 -28.07
C PHE A 482 8.89 -17.22 -29.05
N LYS A 483 9.38 -18.43 -28.79
CA LYS A 483 9.10 -19.54 -29.69
C LYS A 483 7.60 -19.78 -29.83
N SER A 484 6.88 -19.76 -28.70
CA SER A 484 5.44 -19.99 -28.75
C SER A 484 4.71 -18.79 -29.36
N ARG A 485 5.13 -17.57 -28.99
CA ARG A 485 4.47 -16.37 -29.53
C ARG A 485 4.72 -16.26 -31.03
N TYR A 486 5.94 -16.54 -31.47
CA TYR A 486 6.23 -16.53 -32.90
C TYR A 486 5.45 -17.61 -33.63
N SER A 487 5.33 -18.79 -33.01
CA SER A 487 4.54 -19.85 -33.61
C SER A 487 3.05 -19.49 -33.64
N GLU A 488 2.56 -18.80 -32.61
CA GLU A 488 1.17 -18.36 -32.62
C GLU A 488 0.91 -17.37 -33.74
N LEU A 489 1.90 -16.52 -34.05
CA LEU A 489 1.75 -15.58 -35.16
C LEU A 489 1.52 -16.31 -36.47
N GLY A 490 2.27 -17.39 -36.72
CA GLY A 490 2.07 -18.15 -37.93
C GLY A 490 0.72 -18.85 -37.98
N ASN A 491 0.31 -19.42 -36.85
CA ASN A 491 -1.00 -20.07 -36.79
C ASN A 491 -2.12 -19.07 -37.00
N THR A 492 -1.97 -17.85 -36.47
CA THR A 492 -2.96 -16.81 -36.70
C THR A 492 -3.01 -16.42 -38.17
N TYR A 493 -1.85 -16.31 -38.81
CA TYR A 493 -1.81 -16.07 -40.25
C TYR A 493 -2.57 -17.15 -41.00
N ASN A 494 -2.42 -18.41 -40.60
CA ASN A 494 -3.10 -19.50 -41.29
C ASN A 494 -4.61 -19.40 -41.11
N SER A 495 -5.07 -19.05 -39.90
CA SER A 495 -6.50 -18.87 -39.68
C SER A 495 -7.04 -17.69 -40.47
N ILE A 496 -6.21 -16.69 -40.75
CA ILE A 496 -6.65 -15.54 -41.52
C ILE A 496 -6.82 -15.92 -43.00
N THR A 497 -5.82 -16.62 -43.56
CA THR A 497 -5.93 -17.04 -44.95
C THR A 497 -7.10 -17.98 -45.15
N THR A 498 -7.36 -18.86 -44.18
CA THR A 498 -8.54 -19.72 -44.24
C THR A 498 -9.82 -18.90 -44.21
N ALA A 499 -9.90 -17.94 -43.29
CA ALA A 499 -11.09 -17.12 -43.19
C ALA A 499 -11.27 -16.22 -44.41
N LEU A 500 -10.17 -15.81 -45.05
CA LEU A 500 -10.27 -15.00 -46.25
C LEU A 500 -10.91 -15.76 -47.40
N SER A 501 -10.70 -17.08 -47.46
CA SER A 501 -11.25 -17.89 -48.54
C SER A 501 -12.76 -18.06 -48.45
N LYS A 502 -13.37 -17.59 -47.38
CA LYS A 502 -14.83 -17.79 -47.22
C LYS A 502 -15.60 -16.47 -47.35
N VAL A 503 -14.92 -15.40 -47.72
CA VAL A 503 -15.64 -14.12 -47.93
C VAL A 503 -15.72 -13.94 -49.44
N PRO A 504 -16.91 -13.64 -49.97
CA PRO A 504 -17.22 -13.62 -51.39
C PRO A 504 -16.38 -12.63 -52.19
N ASN A 505 -16.17 -12.97 -53.46
CA ASN A 505 -15.23 -12.28 -54.38
C ASN A 505 -13.89 -12.46 -53.67
N ALA A 506 -13.39 -13.70 -53.71
CA ALA A 506 -12.15 -13.97 -52.97
C ALA A 506 -11.01 -13.09 -53.46
N GLN A 507 -10.73 -13.04 -54.75
CA GLN A 507 -9.49 -12.27 -55.07
C GLN A 507 -9.79 -10.76 -55.18
N SER A 508 -9.98 -10.10 -54.03
CA SER A 508 -10.23 -8.65 -53.89
C SER A 508 -9.33 -8.01 -52.81
N LEU A 509 -9.35 -8.56 -51.58
CA LEU A 509 -8.61 -8.04 -50.37
C LEU A 509 -7.61 -9.06 -49.83
N GLN A 510 -7.07 -9.91 -50.69
CA GLN A 510 -6.09 -10.94 -50.25
C GLN A 510 -4.75 -10.30 -49.84
N ASN A 511 -4.51 -9.05 -50.18
CA ASN A 511 -3.35 -8.25 -49.82
C ASN A 511 -3.21 -8.02 -48.32
N VAL A 512 -4.26 -8.30 -47.54
CA VAL A 512 -4.29 -7.86 -46.15
C VAL A 512 -3.14 -8.47 -45.35
N VAL A 513 -2.79 -9.72 -45.62
CA VAL A 513 -1.70 -10.37 -44.92
C VAL A 513 -0.76 -11.00 -45.93
N GLY A 514 0.53 -11.04 -45.59
CA GLY A 514 1.53 -11.64 -46.44
C GLY A 514 2.73 -12.06 -45.63
N LYS A 515 3.55 -12.92 -46.23
CA LYS A 515 4.75 -13.41 -45.58
C LYS A 515 5.83 -13.67 -46.62
N LYS A 516 7.09 -13.51 -46.20
CA LYS A 516 8.24 -13.77 -47.05
C LYS A 516 9.25 -14.58 -46.26
N ASN A 517 9.85 -15.57 -46.91
CA ASN A 517 10.94 -16.32 -46.30
C ASN A 517 12.17 -15.44 -46.17
N ASN A 518 12.88 -15.59 -45.06
CA ASN A 518 14.08 -14.80 -44.77
C ASN A 518 15.24 -15.76 -44.50
N PRO A 519 15.89 -16.26 -45.55
CA PRO A 519 16.96 -17.24 -45.35
C PRO A 519 18.24 -16.61 -44.80
N TYR A 520 18.69 -15.52 -45.41
CA TYR A 520 19.93 -14.86 -45.01
C TYR A 520 19.71 -13.83 -43.93
N SER A 521 18.80 -14.10 -42.99
CA SER A 521 18.56 -13.25 -41.84
C SER A 521 18.97 -13.99 -40.58
N PRO A 522 19.91 -13.47 -39.80
CA PRO A 522 20.55 -14.26 -38.74
C PRO A 522 19.89 -14.20 -37.38
N GLN A 523 18.68 -13.65 -37.27
CA GLN A 523 17.98 -13.63 -35.99
C GLN A 523 17.24 -14.93 -35.69
N GLY A 524 17.45 -15.97 -36.48
CA GLY A 524 16.75 -17.22 -36.29
C GLY A 524 15.28 -17.19 -36.64
N ILE A 525 14.81 -16.10 -37.26
CA ILE A 525 13.41 -15.92 -37.60
C ILE A 525 13.29 -16.12 -39.11
N GLU A 526 12.79 -17.28 -39.51
CA GLU A 526 12.80 -17.67 -40.91
C GLU A 526 11.76 -16.95 -41.75
N THR A 527 10.71 -16.40 -41.13
CA THR A 527 9.60 -15.82 -41.87
C THR A 527 9.23 -14.47 -41.28
N ASN A 528 9.22 -13.45 -42.12
CA ASN A 528 8.72 -12.13 -41.75
C ASN A 528 7.26 -12.01 -42.20
N TYR A 529 6.42 -11.50 -41.32
CA TYR A 529 5.00 -11.37 -41.58
C TYR A 529 4.63 -9.91 -41.81
N TYR A 530 3.79 -9.66 -42.80
CA TYR A 530 3.43 -8.31 -43.22
C TYR A 530 1.92 -8.12 -43.13
N LEU A 531 1.51 -6.85 -43.11
CA LEU A 531 0.10 -6.50 -42.98
C LEU A 531 -0.17 -5.26 -43.81
N ASN A 532 -1.14 -5.35 -44.72
CA ASN A 532 -1.58 -4.21 -45.51
C ASN A 532 -2.51 -3.36 -44.64
N GLN A 533 -2.00 -2.24 -44.15
CA GLN A 533 -2.78 -1.41 -43.23
C GLN A 533 -4.03 -0.86 -43.90
N ASN A 534 -3.98 -0.64 -45.22
CA ASN A 534 -5.16 -0.16 -45.93
C ASN A 534 -6.26 -1.21 -45.93
N SER A 535 -5.96 -2.41 -46.44
CA SER A 535 -6.95 -3.48 -46.47
C SER A 535 -7.35 -3.91 -45.07
N TYR A 536 -6.43 -3.79 -44.10
CA TYR A 536 -6.80 -4.01 -42.71
C TYR A 536 -7.87 -3.02 -42.28
N ASN A 537 -7.75 -1.77 -42.69
CA ASN A 537 -8.73 -0.76 -42.28
C ASN A 537 -10.10 -1.03 -42.87
N GLN A 538 -10.17 -1.40 -44.15
CA GLN A 538 -11.46 -1.63 -44.79
C GLN A 538 -12.19 -2.80 -44.15
N ILE A 539 -11.48 -3.90 -43.88
CA ILE A 539 -12.11 -5.06 -43.25
C ILE A 539 -12.68 -4.69 -41.89
N GLN A 540 -11.95 -3.87 -41.12
CA GLN A 540 -12.45 -3.46 -39.81
C GLN A 540 -13.70 -2.60 -39.94
N THR A 541 -13.75 -1.74 -40.96
CA THR A 541 -14.94 -0.91 -41.16
C THR A 541 -16.15 -1.75 -41.54
N ILE A 542 -15.96 -2.71 -42.45
CA ILE A 542 -17.07 -3.60 -42.83
C ILE A 542 -17.58 -4.35 -41.61
N ASN A 543 -16.67 -4.78 -40.76
CA ASN A 543 -17.06 -5.52 -39.55
C ASN A 543 -17.94 -4.60 -38.71
N GLN A 544 -17.53 -3.35 -38.61
CA GLN A 544 -18.27 -2.35 -37.83
C GLN A 544 -19.61 -2.09 -38.51
N GLU A 545 -19.65 -2.10 -39.84
CA GLU A 545 -20.91 -1.89 -40.58
C GLU A 545 -21.92 -3.03 -40.34
N LEU A 546 -21.48 -4.24 -40.03
CA LEU A 546 -22.43 -5.37 -39.79
C LEU A 546 -22.63 -5.63 -38.30
CD CD B . -20.78 -13.21 -33.47
CD CD C . 10.25 11.93 -9.79
CD CD D . 19.19 6.67 3.28
CD CD E . 18.93 7.60 18.00
CD CD F . -21.74 -0.35 2.64
CD CD G . 3.97 -11.46 -2.18
CD CD H . 13.42 -13.93 -9.91
CD CD I . -7.91 16.94 6.70
CD CD J . -9.20 6.44 -8.15
CD CD K . -11.12 13.79 -3.37
#